data_6FNL
#
_entry.id   6FNL
#
_cell.length_a   46.138
_cell.length_b   54.061
_cell.length_c   62.119
_cell.angle_alpha   90.00
_cell.angle_beta   110.87
_cell.angle_gamma   90.00
#
_symmetry.space_group_name_H-M   'P 1 21 1'
#
loop_
_entity.id
_entity.type
_entity.pdbx_description
1 polymer 'Ephrin type-B receptor 4'
2 water water
#
_entity_poly.entity_id   1
_entity_poly.type   'polypeptide(L)'
_entity_poly.pdbx_seq_one_letter_code
;GMDPNEAVREFAKEIDVSYVKIEEVIGAGEFGEVCRGRLKAPGKKESCVAIKTLKGGYTERQRREFLSEASIMGQFEHPN
IIRLEGVVTNSMPVMILTEFMENGALDSFLRLNDGQFTVIQLVGMLRGIASGMRYLAEMSYVHRDLAARNILVNSNLVCK
VSDFGLSRFLEENSSDPTETSSLGGKIPIRWTAPEAIAFRKFTSASDVWSYGIVMWEVMSFGERPYWDMSNQDVINAIEQ
DYRLPPPPDCPTSLHQLMLDCWQKDRNARPRFPQIVSALDKMIRNPASLKIVARENG
;
_entity_poly.pdbx_strand_id   A
#
# COMPACT_ATOMS: atom_id res chain seq x y z
N ALA A 12 -16.94 8.43 -16.75
CA ALA A 12 -15.97 8.09 -15.72
C ALA A 12 -14.70 7.53 -16.33
N LYS A 13 -14.09 8.30 -17.24
CA LYS A 13 -12.88 7.89 -17.95
C LYS A 13 -13.08 6.56 -18.68
N GLU A 14 -14.22 6.41 -19.35
CA GLU A 14 -14.37 5.32 -20.29
C GLU A 14 -13.36 5.50 -21.42
N ILE A 15 -12.68 4.44 -21.79
CA ILE A 15 -11.75 4.51 -22.87
C ILE A 15 -11.99 3.51 -24.00
N ASP A 16 -11.76 3.98 -25.22
CA ASP A 16 -11.93 3.15 -26.40
C ASP A 16 -10.96 1.99 -26.39
N VAL A 17 -11.48 0.77 -26.59
CA VAL A 17 -10.67 -0.45 -26.59
C VAL A 17 -9.55 -0.37 -27.61
N SER A 18 -9.79 0.29 -28.74
CA SER A 18 -8.75 0.39 -29.76
C SER A 18 -7.52 1.15 -29.28
N TYR A 19 -7.61 1.86 -28.16
CA TYR A 19 -6.46 2.59 -27.64
C TYR A 19 -5.59 1.74 -26.73
N VAL A 20 -5.99 0.49 -26.47
CA VAL A 20 -5.34 -0.38 -25.48
C VAL A 20 -4.70 -1.56 -26.21
N LYS A 21 -3.43 -1.85 -25.89
CA LYS A 21 -2.75 -3.05 -26.36
C LYS A 21 -2.19 -3.80 -25.15
N ILE A 22 -2.63 -5.05 -24.99
CA ILE A 22 -2.13 -5.92 -23.92
C ILE A 22 -0.84 -6.60 -24.38
N GLU A 23 0.21 -6.51 -23.57
CA GLU A 23 1.53 -6.97 -23.98
C GLU A 23 1.99 -8.27 -23.32
N GLU A 24 1.56 -8.55 -22.09
CA GLU A 24 2.12 -9.66 -21.31
C GLU A 24 1.36 -9.82 -20.00
N VAL A 25 1.06 -11.05 -19.61
CA VAL A 25 0.45 -11.30 -18.29
C VAL A 25 1.56 -11.26 -17.25
N ILE A 26 1.36 -10.44 -16.22
CA ILE A 26 2.39 -10.18 -15.22
C ILE A 26 1.97 -10.56 -13.80
N GLY A 27 0.70 -10.89 -13.57
CA GLY A 27 0.28 -11.25 -12.21
C GLY A 27 -1.11 -11.83 -12.21
N ALA A 28 -1.59 -12.13 -11.00
CA ALA A 28 -2.96 -12.59 -10.80
C ALA A 28 -3.60 -11.75 -9.70
N GLY A 29 -4.83 -11.29 -9.96
CA GLY A 29 -5.58 -10.51 -9.01
C GLY A 29 -6.79 -11.25 -8.47
N GLU A 30 -7.59 -10.53 -7.69
CA GLU A 30 -8.77 -11.13 -7.07
C GLU A 30 -9.78 -11.62 -8.10
N PHE A 31 -9.91 -10.90 -9.21
CA PHE A 31 -10.93 -11.20 -10.22
C PHE A 31 -10.37 -11.76 -11.51
N GLY A 32 -9.05 -11.91 -11.62
CA GLY A 32 -8.49 -12.42 -12.87
C GLY A 32 -7.04 -11.98 -13.03
N GLU A 33 -6.62 -11.88 -14.29
CA GLU A 33 -5.24 -11.61 -14.63
C GLU A 33 -4.91 -10.13 -14.51
N VAL A 34 -3.62 -9.85 -14.30
CA VAL A 34 -3.06 -8.51 -14.38
C VAL A 34 -2.01 -8.52 -15.48
N CYS A 35 -2.10 -7.55 -16.40
CA CYS A 35 -1.22 -7.49 -17.56
C CYS A 35 -0.49 -6.16 -17.62
N ARG A 36 0.63 -6.16 -18.32
CA ARG A 36 1.28 -4.94 -18.78
C ARG A 36 0.79 -4.61 -20.18
N GLY A 37 0.58 -3.32 -20.44
CA GLY A 37 0.17 -2.93 -21.77
C GLY A 37 0.51 -1.49 -22.08
N ARG A 38 -0.02 -1.04 -23.22
CA ARG A 38 0.22 0.29 -23.75
C ARG A 38 -1.11 1.00 -24.00
N LEU A 39 -1.16 2.28 -23.64
CA LEU A 39 -2.33 3.11 -23.84
C LEU A 39 -1.93 4.27 -24.75
N LYS A 40 -2.61 4.40 -25.89
CA LYS A 40 -2.32 5.46 -26.86
C LYS A 40 -3.65 6.06 -27.30
N ALA A 41 -3.91 7.30 -26.88
CA ALA A 41 -5.14 8.02 -27.17
C ALA A 41 -4.84 9.22 -28.08
N PRO A 42 -5.79 9.61 -28.94
CA PRO A 42 -5.55 10.70 -29.88
C PRO A 42 -5.10 11.98 -29.18
N GLY A 43 -4.03 12.59 -29.71
CA GLY A 43 -3.47 13.79 -29.14
C GLY A 43 -2.53 13.57 -27.97
N LYS A 44 -2.36 12.34 -27.50
CA LYS A 44 -1.58 12.04 -26.31
C LYS A 44 -0.47 11.05 -26.64
N LYS A 45 0.66 11.22 -25.97
CA LYS A 45 1.77 10.29 -26.10
C LYS A 45 1.39 8.93 -25.50
N GLU A 46 1.98 7.87 -26.06
CA GLU A 46 1.74 6.53 -25.56
C GLU A 46 2.33 6.39 -24.17
N SER A 47 1.65 5.63 -23.30
CA SER A 47 2.13 5.41 -21.94
C SER A 47 1.97 3.93 -21.58
N CYS A 48 2.74 3.51 -20.59
N CYS A 48 2.78 3.50 -20.61
CA CYS A 48 2.67 2.14 -20.10
CA CYS A 48 2.67 2.15 -20.09
C CYS A 48 1.63 2.05 -18.99
C CYS A 48 1.56 2.10 -19.05
N VAL A 49 0.82 1.00 -19.03
CA VAL A 49 -0.27 0.82 -18.07
C VAL A 49 -0.26 -0.60 -17.52
N ALA A 50 -0.78 -0.74 -16.30
CA ALA A 50 -1.20 -2.04 -15.80
C ALA A 50 -2.67 -2.21 -16.15
N ILE A 51 -3.06 -3.43 -16.53
CA ILE A 51 -4.40 -3.72 -17.02
C ILE A 51 -4.95 -4.91 -16.24
N LYS A 52 -6.06 -4.69 -15.53
CA LYS A 52 -6.80 -5.75 -14.86
C LYS A 52 -8.02 -6.11 -15.71
N THR A 53 -8.19 -7.40 -16.00
CA THR A 53 -9.30 -7.87 -16.82
C THR A 53 -10.26 -8.73 -16.00
N LEU A 54 -11.53 -8.64 -16.36
CA LEU A 54 -12.59 -9.48 -15.79
C LEU A 54 -13.25 -10.24 -16.93
N LYS A 55 -13.11 -11.56 -16.92
CA LYS A 55 -13.68 -12.40 -17.96
C LYS A 55 -14.05 -13.75 -17.35
N GLY A 56 -14.58 -14.63 -18.19
CA GLY A 56 -14.87 -15.99 -17.76
C GLY A 56 -16.15 -16.23 -16.99
N GLY A 57 -17.27 -15.67 -17.48
CA GLY A 57 -18.57 -15.92 -16.87
C GLY A 57 -18.76 -15.61 -15.40
N TYR A 58 -18.83 -14.33 -15.08
CA TYR A 58 -18.86 -13.83 -13.71
C TYR A 58 -20.26 -13.33 -13.41
N THR A 59 -20.55 -13.12 -12.14
CA THR A 59 -21.85 -12.60 -11.76
C THR A 59 -21.88 -11.10 -11.87
N GLU A 60 -23.06 -10.53 -12.01
CA GLU A 60 -23.19 -9.09 -12.09
C GLU A 60 -22.73 -8.40 -10.82
N ARG A 61 -22.79 -9.10 -9.68
CA ARG A 61 -22.35 -8.50 -8.42
C ARG A 61 -20.84 -8.43 -8.31
N GLN A 62 -20.19 -9.39 -8.94
CA GLN A 62 -18.75 -9.49 -9.02
C GLN A 62 -18.24 -8.39 -9.97
N ARG A 63 -19.02 -8.09 -10.97
N ARG A 63 -19.02 -8.09 -10.97
CA ARG A 63 -18.68 -7.06 -11.96
CA ARG A 63 -18.68 -7.07 -11.96
C ARG A 63 -18.66 -5.68 -11.31
C ARG A 63 -18.67 -5.68 -11.32
N ARG A 64 -19.66 -5.44 -10.46
CA ARG A 64 -19.79 -4.18 -9.77
C ARG A 64 -18.72 -4.06 -8.71
N GLU A 65 -18.41 -5.16 -8.06
CA GLU A 65 -17.35 -5.19 -7.07
C GLU A 65 -15.99 -4.93 -7.72
N PHE A 66 -15.76 -5.52 -8.90
CA PHE A 66 -14.54 -5.27 -9.65
C PHE A 66 -14.40 -3.79 -10.00
N LEU A 67 -15.47 -3.20 -10.54
CA LEU A 67 -15.41 -1.81 -10.98
C LEU A 67 -15.45 -0.82 -9.84
N SER A 68 -15.95 -1.21 -8.67
CA SER A 68 -15.93 -0.32 -7.51
C SER A 68 -14.53 0.21 -7.23
N GLU A 69 -13.50 -0.58 -7.51
CA GLU A 69 -12.14 -0.12 -7.27
C GLU A 69 -11.81 1.10 -8.12
N ALA A 70 -12.24 1.08 -9.39
CA ALA A 70 -12.02 2.24 -10.26
C ALA A 70 -12.80 3.46 -9.78
N SER A 71 -14.05 3.26 -9.35
CA SER A 71 -14.84 4.38 -8.83
C SER A 71 -14.13 5.06 -7.66
N ILE A 72 -13.55 4.27 -6.75
CA ILE A 72 -12.89 4.85 -5.59
C ILE A 72 -11.54 5.46 -5.98
N MET A 73 -10.72 4.72 -6.73
N MET A 73 -10.73 4.72 -6.75
CA MET A 73 -9.42 5.23 -7.15
CA MET A 73 -9.41 5.21 -7.15
C MET A 73 -9.55 6.56 -7.88
C MET A 73 -9.52 6.53 -7.91
N GLY A 74 -10.54 6.67 -8.76
CA GLY A 74 -10.68 7.86 -9.57
C GLY A 74 -11.06 9.11 -8.81
N GLN A 75 -11.39 8.99 -7.51
CA GLN A 75 -11.62 10.16 -6.68
C GLN A 75 -10.32 10.84 -6.24
N PHE A 76 -9.17 10.20 -6.40
CA PHE A 76 -7.92 10.64 -5.79
C PHE A 76 -6.94 11.14 -6.85
N GLU A 77 -6.07 12.07 -6.43
CA GLU A 77 -4.98 12.57 -7.27
C GLU A 77 -3.82 12.95 -6.37
N HIS A 78 -2.76 12.13 -6.34
CA HIS A 78 -1.63 12.36 -5.44
C HIS A 78 -0.46 11.50 -5.90
N PRO A 79 0.78 11.98 -5.80
CA PRO A 79 1.92 11.18 -6.32
C PRO A 79 2.18 9.86 -5.62
N ASN A 80 1.64 9.65 -4.42
CA ASN A 80 1.83 8.38 -3.73
C ASN A 80 0.53 7.56 -3.63
N ILE A 81 -0.42 7.81 -4.54
CA ILE A 81 -1.65 7.05 -4.67
C ILE A 81 -1.72 6.57 -6.12
N ILE A 82 -1.96 5.26 -6.34
CA ILE A 82 -2.00 4.73 -7.70
C ILE A 82 -3.02 5.50 -8.54
N ARG A 83 -2.59 5.91 -9.73
CA ARG A 83 -3.41 6.73 -10.63
C ARG A 83 -4.26 5.85 -11.56
N LEU A 84 -5.55 6.16 -11.63
CA LEU A 84 -6.45 5.53 -12.60
C LEU A 84 -6.30 6.19 -13.97
N GLU A 85 -6.03 5.38 -15.00
CA GLU A 85 -6.04 5.88 -16.37
C GLU A 85 -7.41 5.78 -16.98
N GLY A 86 -8.16 4.72 -16.70
CA GLY A 86 -9.54 4.67 -17.11
C GLY A 86 -10.05 3.25 -17.10
N VAL A 87 -11.24 3.07 -17.68
CA VAL A 87 -11.92 1.79 -17.65
C VAL A 87 -12.48 1.45 -19.02
N VAL A 88 -12.73 0.16 -19.21
CA VAL A 88 -13.38 -0.38 -20.39
C VAL A 88 -14.60 -1.15 -19.88
N THR A 89 -15.79 -0.55 -20.02
CA THR A 89 -17.02 -1.17 -19.54
C THR A 89 -18.07 -1.35 -20.61
N ASN A 90 -17.97 -0.67 -21.75
CA ASN A 90 -18.92 -0.81 -22.84
C ASN A 90 -18.57 -1.96 -23.78
N SER A 91 -17.60 -2.80 -23.41
CA SER A 91 -17.21 -3.94 -24.21
C SER A 91 -16.70 -5.04 -23.28
N MET A 92 -16.21 -6.13 -23.85
CA MET A 92 -15.70 -7.23 -23.08
C MET A 92 -14.41 -7.70 -23.63
N PRO A 93 -13.45 -8.06 -22.77
CA PRO A 93 -13.63 -8.11 -21.32
C PRO A 93 -13.61 -6.74 -20.64
N VAL A 94 -14.21 -6.64 -19.46
CA VAL A 94 -14.13 -5.42 -18.67
C VAL A 94 -12.69 -5.21 -18.22
N MET A 95 -12.24 -3.95 -18.21
CA MET A 95 -10.86 -3.64 -17.90
C MET A 95 -10.77 -2.41 -17.01
N ILE A 96 -9.76 -2.43 -16.12
CA ILE A 96 -9.34 -1.28 -15.34
C ILE A 96 -7.88 -1.03 -15.68
N LEU A 97 -7.55 0.20 -16.09
CA LEU A 97 -6.19 0.57 -16.46
C LEU A 97 -5.64 1.57 -15.44
N THR A 98 -4.45 1.26 -14.90
CA THR A 98 -3.77 2.12 -13.93
C THR A 98 -2.34 2.39 -14.38
N GLU A 99 -1.67 3.32 -13.71
CA GLU A 99 -0.25 3.53 -13.99
C GLU A 99 0.53 2.24 -13.74
N PHE A 100 1.57 2.01 -14.54
CA PHE A 100 2.39 0.81 -14.42
C PHE A 100 3.46 1.01 -13.36
N MET A 101 3.66 -0.02 -12.52
CA MET A 101 4.62 0.02 -11.40
C MET A 101 5.60 -1.14 -11.62
N GLU A 102 6.80 -0.78 -12.09
N GLU A 102 6.79 -0.83 -12.15
CA GLU A 102 7.76 -1.74 -12.63
CA GLU A 102 7.68 -1.89 -12.64
C GLU A 102 8.30 -2.73 -11.61
C GLU A 102 8.05 -2.88 -11.54
N ASN A 103 8.29 -2.38 -10.32
CA ASN A 103 8.84 -3.23 -9.26
C ASN A 103 7.79 -3.96 -8.44
N GLY A 104 6.51 -3.80 -8.78
CA GLY A 104 5.49 -4.63 -8.16
C GLY A 104 5.27 -4.32 -6.69
N ALA A 105 4.79 -5.34 -5.96
CA ALA A 105 4.43 -5.16 -4.56
C ALA A 105 5.68 -5.00 -3.68
N LEU A 106 5.55 -4.15 -2.67
CA LEU A 106 6.70 -3.77 -1.87
C LEU A 106 7.25 -4.93 -1.04
N ASP A 107 6.38 -5.80 -0.50
CA ASP A 107 6.90 -6.87 0.36
C ASP A 107 7.76 -7.85 -0.42
N SER A 108 7.31 -8.26 -1.61
CA SER A 108 8.13 -9.18 -2.39
C SER A 108 9.34 -8.49 -2.99
N PHE A 109 9.22 -7.20 -3.34
CA PHE A 109 10.36 -6.44 -3.85
C PHE A 109 11.48 -6.39 -2.82
N LEU A 110 11.14 -6.14 -1.55
CA LEU A 110 12.17 -6.06 -0.52
C LEU A 110 12.75 -7.43 -0.20
N ARG A 111 11.94 -8.49 -0.26
CA ARG A 111 12.48 -9.84 -0.04
C ARG A 111 13.52 -10.18 -1.11
N LEU A 112 13.24 -9.80 -2.35
CA LEU A 112 14.18 -10.03 -3.45
C LEU A 112 15.48 -9.28 -3.25
N ASN A 113 15.44 -8.18 -2.52
CA ASN A 113 16.54 -7.24 -2.36
C ASN A 113 16.96 -7.13 -0.90
N ASP A 114 16.91 -8.25 -0.16
CA ASP A 114 17.17 -8.26 1.26
C ASP A 114 18.56 -7.69 1.56
N GLY A 115 18.61 -6.70 2.44
CA GLY A 115 19.85 -6.05 2.84
C GLY A 115 20.50 -5.16 1.81
N GLN A 116 19.83 -4.85 0.69
CA GLN A 116 20.50 -4.23 -0.45
C GLN A 116 20.17 -2.76 -0.64
N PHE A 117 19.25 -2.21 0.16
CA PHE A 117 18.95 -0.78 0.15
C PHE A 117 19.37 -0.18 1.50
N THR A 118 19.79 1.09 1.47
CA THR A 118 20.28 1.76 2.67
C THR A 118 19.11 2.17 3.57
N VAL A 119 19.44 2.48 4.83
CA VAL A 119 18.41 2.99 5.75
C VAL A 119 17.72 4.23 5.16
N ILE A 120 18.49 5.15 4.59
N ILE A 120 18.47 5.15 4.58
CA ILE A 120 17.90 6.37 4.04
CA ILE A 120 17.83 6.37 4.08
C ILE A 120 16.93 6.05 2.90
C ILE A 120 16.94 6.09 2.86
N GLN A 121 17.27 5.08 2.05
CA GLN A 121 16.35 4.65 1.00
C GLN A 121 15.06 4.08 1.60
N LEU A 122 15.18 3.24 2.63
CA LEU A 122 14.00 2.67 3.26
C LEU A 122 13.14 3.76 3.91
N VAL A 123 13.76 4.75 4.55
CA VAL A 123 13.01 5.86 5.13
C VAL A 123 12.30 6.65 4.04
N GLY A 124 12.93 6.82 2.88
CA GLY A 124 12.26 7.50 1.79
C GLY A 124 11.02 6.77 1.30
N MET A 125 11.09 5.45 1.23
CA MET A 125 9.91 4.65 0.89
C MET A 125 8.81 4.86 1.93
N LEU A 126 9.16 4.79 3.21
CA LEU A 126 8.17 5.00 4.27
C LEU A 126 7.58 6.40 4.23
N ARG A 127 8.38 7.40 3.86
CA ARG A 127 7.87 8.78 3.77
C ARG A 127 6.83 8.89 2.66
N GLY A 128 7.09 8.26 1.51
CA GLY A 128 6.10 8.27 0.44
C GLY A 128 4.80 7.59 0.83
N ILE A 129 4.88 6.43 1.50
CA ILE A 129 3.67 5.77 1.97
C ILE A 129 2.92 6.69 2.94
N ALA A 130 3.64 7.30 3.89
CA ALA A 130 2.98 8.16 4.87
C ALA A 130 2.35 9.38 4.22
N SER A 131 2.97 9.90 3.15
CA SER A 131 2.36 11.03 2.44
C SER A 131 1.06 10.60 1.76
N GLY A 132 1.05 9.43 1.12
CA GLY A 132 -0.19 8.92 0.56
C GLY A 132 -1.28 8.79 1.61
N MET A 133 -0.93 8.27 2.78
CA MET A 133 -1.92 8.10 3.84
C MET A 133 -2.36 9.43 4.42
N ARG A 134 -1.43 10.39 4.55
CA ARG A 134 -1.80 11.75 4.97
C ARG A 134 -2.89 12.32 4.07
N TYR A 135 -2.76 12.11 2.76
CA TYR A 135 -3.75 12.58 1.80
C TYR A 135 -5.07 11.84 1.97
N LEU A 136 -5.03 10.51 2.09
CA LEU A 136 -6.28 9.76 2.26
C LEU A 136 -7.02 10.21 3.51
N ALA A 137 -6.30 10.40 4.61
CA ALA A 137 -6.95 10.83 5.85
C ALA A 137 -7.56 12.22 5.71
N GLU A 138 -6.90 13.10 4.94
CA GLU A 138 -7.44 14.43 4.71
C GLU A 138 -8.70 14.38 3.86
N MET A 139 -8.80 13.40 2.96
CA MET A 139 -9.98 13.15 2.14
C MET A 139 -11.05 12.35 2.87
N SER A 140 -10.84 12.04 4.16
CA SER A 140 -11.77 11.26 4.98
C SER A 140 -11.94 9.83 4.47
N TYR A 141 -10.89 9.27 3.86
CA TYR A 141 -10.92 7.90 3.38
C TYR A 141 -10.11 7.02 4.33
N VAL A 142 -10.74 5.98 4.85
CA VAL A 142 -10.10 5.00 5.72
C VAL A 142 -9.79 3.76 4.89
N HIS A 143 -8.52 3.35 4.84
CA HIS A 143 -8.12 2.29 3.91
C HIS A 143 -8.55 0.90 4.39
N ARG A 144 -8.29 0.57 5.65
CA ARG A 144 -8.63 -0.67 6.35
C ARG A 144 -7.74 -1.87 6.01
N ASP A 145 -6.92 -1.82 4.95
CA ASP A 145 -6.04 -2.95 4.63
C ASP A 145 -4.65 -2.46 4.24
N LEU A 146 -4.11 -1.51 5.01
CA LEU A 146 -2.77 -0.98 4.75
C LEU A 146 -1.72 -2.01 5.18
N ALA A 147 -0.96 -2.51 4.21
CA ALA A 147 0.02 -3.57 4.38
C ALA A 147 1.00 -3.43 3.22
N ALA A 148 2.23 -3.95 3.42
CA ALA A 148 3.25 -3.81 2.35
C ALA A 148 2.83 -4.49 1.05
N ARG A 149 2.04 -5.58 1.14
N ARG A 149 2.04 -5.58 1.14
CA ARG A 149 1.54 -6.25 -0.07
CA ARG A 149 1.56 -6.25 -0.06
C ARG A 149 0.64 -5.35 -0.89
C ARG A 149 0.61 -5.38 -0.88
N ASN A 150 0.08 -4.31 -0.29
CA ASN A 150 -0.81 -3.39 -0.99
C ASN A 150 -0.14 -2.06 -1.33
N ILE A 151 1.20 -2.00 -1.24
CA ILE A 151 1.99 -0.85 -1.70
C ILE A 151 2.71 -1.29 -2.96
N LEU A 152 2.66 -0.46 -4.00
CA LEU A 152 3.36 -0.75 -5.27
C LEU A 152 4.56 0.16 -5.45
N VAL A 153 5.58 -0.31 -6.19
CA VAL A 153 6.86 0.38 -6.29
C VAL A 153 7.21 0.61 -7.77
N ASN A 154 7.58 1.86 -8.12
CA ASN A 154 7.97 2.13 -9.50
C ASN A 154 9.49 1.99 -9.72
N SER A 155 9.94 2.29 -10.95
N SER A 155 9.93 2.28 -10.95
CA SER A 155 11.34 2.12 -11.28
CA SER A 155 11.35 2.10 -11.28
C SER A 155 12.24 3.02 -10.45
C SER A 155 12.27 3.05 -10.53
N ASN A 156 11.75 4.19 -10.03
CA ASN A 156 12.52 5.12 -9.23
C ASN A 156 12.36 4.90 -7.72
N LEU A 157 11.77 3.78 -7.31
CA LEU A 157 11.56 3.38 -5.92
C LEU A 157 10.46 4.19 -5.23
N VAL A 158 9.65 4.93 -5.99
CA VAL A 158 8.53 5.64 -5.39
C VAL A 158 7.45 4.63 -5.04
N CYS A 159 6.95 4.71 -3.80
CA CYS A 159 5.96 3.80 -3.26
C CYS A 159 4.59 4.47 -3.25
N LYS A 160 3.56 3.71 -3.65
CA LYS A 160 2.22 4.24 -3.83
C LYS A 160 1.19 3.29 -3.25
N VAL A 161 0.21 3.86 -2.53
CA VAL A 161 -0.86 3.05 -1.95
C VAL A 161 -1.81 2.56 -3.04
N SER A 162 -2.19 1.28 -2.93
N SER A 162 -2.17 1.28 -2.95
CA SER A 162 -3.09 0.62 -3.87
CA SER A 162 -3.12 0.66 -3.86
C SER A 162 -4.17 -0.12 -3.09
C SER A 162 -4.19 -0.11 -3.11
N ASP A 163 -5.03 -0.83 -3.85
CA ASP A 163 -6.10 -1.68 -3.29
C ASP A 163 -7.26 -0.87 -2.71
N PHE A 164 -8.12 -0.32 -3.58
CA PHE A 164 -9.22 0.50 -3.14
C PHE A 164 -10.59 -0.17 -3.31
N GLY A 165 -10.66 -1.29 -4.01
CA GLY A 165 -11.88 -2.06 -4.10
C GLY A 165 -11.75 -3.43 -3.46
N LYS A 186 -13.16 -11.39 6.84
CA LYS A 186 -11.87 -11.34 6.18
C LYS A 186 -11.04 -10.16 6.63
N ILE A 187 -11.06 -9.89 7.91
CA ILE A 187 -10.26 -8.79 8.49
C ILE A 187 -8.81 -9.21 8.56
N PRO A 188 -7.87 -8.40 8.04
CA PRO A 188 -6.44 -8.76 8.09
C PRO A 188 -5.86 -8.60 9.48
N ILE A 189 -5.97 -9.65 10.30
CA ILE A 189 -5.83 -9.50 11.75
C ILE A 189 -4.48 -8.87 12.12
N ARG A 190 -3.38 -9.39 11.58
CA ARG A 190 -2.10 -8.91 12.10
C ARG A 190 -1.74 -7.50 11.66
N TRP A 191 -2.52 -6.88 10.76
CA TRP A 191 -2.34 -5.48 10.41
C TRP A 191 -3.33 -4.55 11.12
N THR A 192 -4.27 -5.10 11.91
CA THR A 192 -5.45 -4.35 12.32
C THR A 192 -5.37 -3.92 13.79
N ALA A 193 -5.77 -2.68 14.06
CA ALA A 193 -5.74 -2.15 15.42
C ALA A 193 -6.71 -2.91 16.32
N PRO A 194 -6.42 -3.01 17.61
CA PRO A 194 -7.24 -3.86 18.50
C PRO A 194 -8.68 -3.40 18.63
N GLU A 195 -8.94 -2.10 18.61
CA GLU A 195 -10.32 -1.64 18.66
C GLU A 195 -11.08 -1.90 17.37
N ALA A 196 -10.36 -1.98 16.23
CA ALA A 196 -11.04 -2.33 14.99
C ALA A 196 -11.39 -3.81 14.95
N ILE A 197 -10.49 -4.67 15.43
CA ILE A 197 -10.80 -6.10 15.59
C ILE A 197 -11.99 -6.29 16.53
N ALA A 198 -11.95 -5.64 17.69
CA ALA A 198 -12.93 -5.93 18.74
C ALA A 198 -14.29 -5.31 18.46
N PHE A 199 -14.32 -4.09 17.90
CA PHE A 199 -15.56 -3.33 17.79
C PHE A 199 -15.90 -2.91 16.36
N ARG A 200 -15.06 -3.24 15.38
CA ARG A 200 -15.28 -2.87 13.99
C ARG A 200 -15.33 -1.36 13.79
N LYS A 201 -14.58 -0.62 14.60
CA LYS A 201 -14.48 0.83 14.47
C LYS A 201 -13.18 1.11 13.74
N PHE A 202 -13.30 1.42 12.44
CA PHE A 202 -12.16 1.71 11.58
C PHE A 202 -12.08 3.21 11.38
N THR A 203 -10.92 3.79 11.66
CA THR A 203 -10.68 5.22 11.53
C THR A 203 -9.28 5.43 10.97
N SER A 204 -8.92 6.69 10.71
CA SER A 204 -7.55 6.97 10.31
C SER A 204 -6.56 6.57 11.41
N ALA A 205 -6.98 6.62 12.68
CA ALA A 205 -6.11 6.16 13.76
C ALA A 205 -5.91 4.64 13.72
N SER A 206 -6.89 3.87 13.25
CA SER A 206 -6.60 2.46 13.05
C SER A 206 -5.68 2.23 11.85
N ASP A 207 -5.78 3.06 10.81
CA ASP A 207 -4.80 2.99 9.72
C ASP A 207 -3.39 3.33 10.21
N VAL A 208 -3.26 4.20 11.23
CA VAL A 208 -1.94 4.51 11.77
C VAL A 208 -1.31 3.27 12.40
N TRP A 209 -2.11 2.49 13.15
CA TRP A 209 -1.61 1.21 13.66
C TRP A 209 -1.06 0.35 12.52
N SER A 210 -1.85 0.22 11.45
CA SER A 210 -1.42 -0.58 10.29
C SER A 210 -0.14 -0.02 9.70
N TYR A 211 -0.03 1.31 9.60
CA TYR A 211 1.20 1.93 9.10
C TYR A 211 2.41 1.53 9.92
N GLY A 212 2.27 1.45 11.25
CA GLY A 212 3.38 0.96 12.06
C GLY A 212 3.79 -0.47 11.72
N ILE A 213 2.80 -1.33 11.43
CA ILE A 213 3.13 -2.66 10.94
C ILE A 213 3.91 -2.58 9.61
N VAL A 214 3.47 -1.72 8.68
CA VAL A 214 4.19 -1.52 7.41
C VAL A 214 5.64 -1.09 7.65
N MET A 215 5.86 -0.15 8.60
CA MET A 215 7.23 0.26 8.91
C MET A 215 8.07 -0.95 9.29
N TRP A 216 7.50 -1.84 10.12
CA TRP A 216 8.21 -3.04 10.54
C TRP A 216 8.51 -3.96 9.36
N GLU A 217 7.53 -4.12 8.45
CA GLU A 217 7.76 -4.93 7.25
C GLU A 217 8.89 -4.36 6.40
N VAL A 218 8.96 -3.04 6.28
CA VAL A 218 9.98 -2.42 5.42
C VAL A 218 11.35 -2.58 6.05
N MET A 219 11.47 -2.29 7.36
CA MET A 219 12.79 -2.36 7.99
C MET A 219 13.26 -3.80 8.16
N SER A 220 12.36 -4.78 8.01
N SER A 220 12.36 -4.77 8.01
CA SER A 220 12.72 -6.19 8.03
CA SER A 220 12.71 -6.19 8.03
C SER A 220 12.83 -6.79 6.63
C SER A 220 12.90 -6.78 6.65
N PHE A 221 12.82 -5.96 5.59
CA PHE A 221 12.92 -6.44 4.21
C PHE A 221 11.85 -7.50 3.87
N GLY A 222 10.62 -7.27 4.32
CA GLY A 222 9.52 -8.13 3.93
C GLY A 222 9.30 -9.39 4.76
N GLU A 223 9.73 -9.40 6.01
CA GLU A 223 9.35 -10.49 6.90
C GLU A 223 7.86 -10.42 7.24
N ARG A 224 7.27 -11.57 7.56
CA ARG A 224 5.86 -11.63 7.91
C ARG A 224 5.65 -11.14 9.34
N PRO A 225 4.73 -10.19 9.58
CA PRO A 225 4.48 -9.73 10.95
C PRO A 225 4.08 -10.88 11.86
N TYR A 226 4.71 -10.95 13.02
CA TYR A 226 4.46 -11.95 14.07
C TYR A 226 4.89 -13.35 13.70
N TRP A 227 5.60 -13.52 12.57
CA TRP A 227 6.11 -14.81 12.14
C TRP A 227 5.02 -15.88 12.07
N ASP A 228 5.18 -16.94 12.87
CA ASP A 228 4.31 -18.10 12.81
C ASP A 228 3.16 -18.08 13.80
N MET A 229 2.98 -16.99 14.55
CA MET A 229 1.87 -16.91 15.49
C MET A 229 0.53 -16.95 14.75
N SER A 230 -0.46 -17.57 15.38
CA SER A 230 -1.79 -17.63 14.81
C SER A 230 -2.54 -16.32 15.07
N ASN A 231 -3.63 -16.13 14.32
CA ASN A 231 -4.41 -14.89 14.45
C ASN A 231 -4.88 -14.66 15.89
N GLN A 232 -5.38 -15.71 16.56
CA GLN A 232 -5.81 -15.52 17.94
C GLN A 232 -4.62 -15.30 18.87
N ASP A 233 -3.48 -15.95 18.59
CA ASP A 233 -2.27 -15.68 19.37
C ASP A 233 -1.86 -14.21 19.26
N VAL A 234 -1.97 -13.63 18.06
CA VAL A 234 -1.64 -12.22 17.88
C VAL A 234 -2.58 -11.33 18.68
N ILE A 235 -3.89 -11.59 18.59
CA ILE A 235 -4.89 -10.80 19.32
C ILE A 235 -4.60 -10.84 20.82
N ASN A 236 -4.30 -12.02 21.34
CA ASN A 236 -4.05 -12.17 22.78
C ASN A 236 -2.75 -11.47 23.19
N ALA A 237 -1.70 -11.63 22.38
CA ALA A 237 -0.42 -11.02 22.72
C ALA A 237 -0.52 -9.51 22.79
N ILE A 238 -1.13 -8.89 21.76
CA ILE A 238 -1.31 -7.44 21.75
C ILE A 238 -2.06 -6.96 22.98
N GLU A 239 -3.17 -7.65 23.31
CA GLU A 239 -3.93 -7.30 24.51
C GLU A 239 -3.08 -7.48 25.77
N GLN A 240 -2.12 -8.39 25.75
CA GLN A 240 -1.21 -8.62 26.86
C GLN A 240 0.11 -7.86 26.73
N ASP A 241 0.12 -6.77 25.95
CA ASP A 241 1.19 -5.76 25.93
C ASP A 241 2.39 -6.13 25.09
N TYR A 242 2.38 -7.25 24.38
CA TYR A 242 3.48 -7.58 23.49
C TYR A 242 3.46 -6.65 22.29
N ARG A 243 4.64 -6.23 21.84
CA ARG A 243 4.80 -5.51 20.58
C ARG A 243 6.02 -6.05 19.86
N LEU A 244 5.96 -6.01 18.51
CA LEU A 244 7.04 -6.55 17.71
C LEU A 244 8.36 -5.85 18.06
N PRO A 245 9.48 -6.57 18.03
CA PRO A 245 10.77 -5.98 18.41
C PRO A 245 11.40 -5.26 17.24
N PRO A 246 12.46 -4.49 17.46
CA PRO A 246 13.16 -3.83 16.34
C PRO A 246 13.75 -4.86 15.39
N PRO A 247 13.57 -4.68 14.09
CA PRO A 247 14.23 -5.54 13.12
C PRO A 247 15.73 -5.40 13.23
N PRO A 248 16.49 -6.39 12.75
CA PRO A 248 17.96 -6.28 12.75
C PRO A 248 18.40 -5.00 12.07
N ASP A 249 19.33 -4.30 12.73
CA ASP A 249 19.95 -3.06 12.25
C ASP A 249 18.99 -1.88 12.21
N CYS A 250 17.80 -2.00 12.76
CA CYS A 250 16.80 -0.93 12.64
C CYS A 250 17.14 0.21 13.60
N PRO A 251 17.25 1.45 13.11
CA PRO A 251 17.47 2.58 14.01
C PRO A 251 16.42 2.64 15.11
N THR A 252 16.89 2.93 16.33
CA THR A 252 15.98 2.98 17.48
C THR A 252 14.87 4.02 17.28
N SER A 253 15.18 5.14 16.63
CA SER A 253 14.17 6.17 16.42
C SER A 253 13.03 5.67 15.53
N LEU A 254 13.33 4.80 14.56
CA LEU A 254 12.26 4.21 13.75
C LEU A 254 11.43 3.21 14.55
N HIS A 255 12.07 2.40 15.41
CA HIS A 255 11.28 1.47 16.21
C HIS A 255 10.41 2.21 17.22
N GLN A 256 10.92 3.30 17.79
CA GLN A 256 10.10 4.10 18.70
C GLN A 256 8.87 4.65 17.99
N LEU A 257 9.02 5.08 16.73
CA LEU A 257 7.86 5.56 15.97
C LEU A 257 6.84 4.44 15.76
N MET A 258 7.32 3.21 15.50
CA MET A 258 6.44 2.05 15.44
C MET A 258 5.65 1.90 16.75
N LEU A 259 6.35 1.96 17.89
CA LEU A 259 5.67 1.79 19.18
C LEU A 259 4.63 2.88 19.41
N ASP A 260 4.91 4.10 18.94
CA ASP A 260 3.92 5.19 19.03
C ASP A 260 2.67 4.86 18.21
N CYS A 261 2.85 4.31 17.00
CA CYS A 261 1.69 3.91 16.21
C CYS A 261 0.90 2.78 16.85
N TRP A 262 1.53 2.00 17.73
CA TRP A 262 0.90 0.83 18.33
C TRP A 262 0.40 1.08 19.75
N GLN A 263 0.12 2.33 20.11
CA GLN A 263 -0.47 2.58 21.41
C GLN A 263 -1.91 2.05 21.43
N LYS A 264 -2.27 1.42 22.56
CA LYS A 264 -3.61 0.81 22.65
C LYS A 264 -4.71 1.86 22.56
N ASP A 265 -4.50 3.03 23.18
CA ASP A 265 -5.44 4.13 23.11
C ASP A 265 -5.28 4.80 21.74
N ARG A 266 -6.30 4.70 20.89
CA ARG A 266 -6.20 5.22 19.54
C ARG A 266 -5.99 6.72 19.52
N ASN A 267 -6.45 7.43 20.55
CA ASN A 267 -6.30 8.88 20.58
C ASN A 267 -4.89 9.31 20.94
N ALA A 268 -4.05 8.40 21.43
CA ALA A 268 -2.66 8.71 21.75
C ALA A 268 -1.72 8.52 20.56
N ARG A 269 -2.15 7.82 19.52
CA ARG A 269 -1.30 7.59 18.36
C ARG A 269 -1.03 8.90 17.62
N PRO A 270 0.13 9.03 16.98
CA PRO A 270 0.33 10.19 16.10
C PRO A 270 -0.62 10.13 14.91
N ARG A 271 -0.92 11.28 14.34
CA ARG A 271 -1.70 11.42 13.15
C ARG A 271 -0.74 11.43 11.92
N PHE A 272 -1.25 11.16 10.74
CA PHE A 272 -0.37 11.07 9.58
C PHE A 272 0.46 12.33 9.30
N PRO A 273 -0.04 13.54 9.48
CA PRO A 273 0.86 14.70 9.32
C PRO A 273 2.06 14.66 10.23
N GLN A 274 1.88 14.20 11.48
CA GLN A 274 2.99 14.11 12.43
C GLN A 274 3.98 13.03 12.03
N ILE A 275 3.48 11.93 11.48
CA ILE A 275 4.36 10.86 11.01
C ILE A 275 5.24 11.35 9.86
N VAL A 276 4.65 12.04 8.88
CA VAL A 276 5.45 12.58 7.77
C VAL A 276 6.53 13.53 8.31
N SER A 277 6.15 14.42 9.23
N SER A 277 6.15 14.42 9.23
CA SER A 277 7.11 15.37 9.80
CA SER A 277 7.11 15.36 9.80
C SER A 277 8.27 14.66 10.49
C SER A 277 8.28 14.64 10.47
N ALA A 278 7.99 13.58 11.23
CA ALA A 278 9.06 12.86 11.91
C ALA A 278 10.01 12.20 10.92
N LEU A 279 9.47 11.62 9.85
CA LEU A 279 10.34 11.02 8.84
C LEU A 279 11.15 12.08 8.09
N ASP A 280 10.55 13.24 7.81
CA ASP A 280 11.29 14.32 7.18
C ASP A 280 12.48 14.75 8.04
N LYS A 281 12.31 14.80 9.33
CA LYS A 281 13.39 15.17 10.24
C LYS A 281 14.51 14.14 10.20
N MET A 282 14.20 12.85 10.13
CA MET A 282 15.23 11.82 9.99
C MET A 282 16.02 12.00 8.70
N ILE A 283 15.33 12.33 7.61
CA ILE A 283 16.01 12.53 6.33
C ILE A 283 16.92 13.74 6.38
N ARG A 284 16.49 14.81 7.08
CA ARG A 284 17.33 16.00 7.23
C ARG A 284 18.51 15.76 8.15
N ASN A 285 18.34 14.92 9.18
CA ASN A 285 19.36 14.66 10.19
C ASN A 285 19.73 13.18 10.16
N PRO A 286 20.35 12.71 9.08
CA PRO A 286 20.64 11.27 8.98
C PRO A 286 21.54 10.74 10.07
N ALA A 287 22.35 11.59 10.71
CA ALA A 287 23.16 11.13 11.82
C ALA A 287 22.31 10.52 12.93
N SER A 288 21.05 10.98 13.07
CA SER A 288 20.18 10.48 14.13
C SER A 288 19.73 9.04 13.91
N LEU A 289 19.94 8.48 12.73
CA LEU A 289 19.59 7.10 12.42
C LEU A 289 20.71 6.12 12.75
N LYS A 290 21.77 6.59 13.40
CA LYS A 290 22.91 5.71 13.68
C LYS A 290 22.72 4.87 14.92
N ILE A 291 21.90 5.33 15.87
CA ILE A 291 21.69 4.60 17.12
C ILE A 291 20.83 3.37 16.84
N VAL A 292 21.41 2.20 17.09
CA VAL A 292 20.74 0.91 16.96
C VAL A 292 20.89 0.16 18.27
N ALA A 293 19.91 -0.68 18.59
CA ALA A 293 19.93 -1.46 19.84
C ALA A 293 21.21 -2.28 20.00
#